data_1HY5
#
_entry.id   1HY5
#
_cell.length_a   62.692
_cell.length_b   71.978
_cell.length_c   62.684
_cell.angle_alpha   90.00
_cell.angle_beta   113.06
_cell.angle_gamma   90.00
#
_symmetry.space_group_name_H-M   'C 1 2 1'
#
loop_
_entity.id
_entity.type
_entity.pdbx_description
1 polymer 'YERSINIA PESTIS VIRULENCE PROTEIN YOPE'
2 water water
#
_entity_poly.entity_id   1
_entity_poly.type   'polypeptide(L)'
_entity_poly.pdbx_seq_one_letter_code
;APTPAQ(MSE)PSPTSFSDSIKQLAAETLPKY(MSE)QQLNSLDAE(MSE)LQKNHDQFATGSGPLRGSITQCQGL
(MSE)QFCGGELQAEASAILNTPVCGIPFSQWGTIGGAASAYVASGVDLTQAANEIKGLAQQ(MSE)QKLLSL(MSE)HH
HHHH
;
_entity_poly.pdbx_strand_id   A,B
#
# COMPACT_ATOMS: atom_id res chain seq x y z
N THR A 11 -38.63 -3.56 17.08
CA THR A 11 -37.18 -3.74 17.02
C THR A 11 -36.77 -5.16 17.41
N SER A 12 -35.61 -5.53 16.91
CA SER A 12 -34.64 -6.55 17.20
C SER A 12 -33.27 -5.95 17.52
N PHE A 13 -32.45 -6.63 18.31
CA PHE A 13 -31.13 -6.07 18.58
C PHE A 13 -30.40 -6.03 17.23
N SER A 14 -30.38 -7.18 16.58
CA SER A 14 -29.86 -7.39 15.24
C SER A 14 -30.24 -6.28 14.28
N ASP A 15 -31.49 -5.89 14.25
CA ASP A 15 -31.88 -4.86 13.28
C ASP A 15 -31.42 -3.50 13.75
N SER A 16 -31.42 -3.31 15.07
CA SER A 16 -31.01 -2.01 15.57
C SER A 16 -29.57 -1.72 15.13
N ILE A 17 -28.71 -2.73 15.21
CA ILE A 17 -27.31 -2.59 14.87
C ILE A 17 -27.18 -2.17 13.40
N LYS A 18 -27.76 -3.05 12.60
CA LYS A 18 -27.88 -2.84 11.18
C LYS A 18 -28.44 -1.46 10.88
N GLN A 19 -29.58 -1.19 11.50
CA GLN A 19 -30.26 0.09 11.23
C GLN A 19 -29.35 1.26 11.52
N LEU A 20 -28.54 1.09 12.58
CA LEU A 20 -27.76 2.29 12.93
C LEU A 20 -26.52 2.41 12.03
N ALA A 21 -26.00 1.29 11.52
CA ALA A 21 -24.89 1.40 10.57
C ALA A 21 -25.35 2.04 9.27
N ALA A 22 -26.57 1.69 8.90
CA ALA A 22 -27.15 2.27 7.70
C ALA A 22 -27.40 3.76 7.84
N GLU A 23 -27.72 4.23 9.05
CA GLU A 23 -27.84 5.70 9.12
C GLU A 23 -26.50 6.39 9.34
N THR A 24 -25.42 5.70 9.70
CA THR A 24 -24.18 6.40 10.01
C THR A 24 -23.11 6.17 8.95
N LEU A 25 -23.10 4.95 8.40
CA LEU A 25 -22.03 4.70 7.43
C LEU A 25 -22.07 5.65 6.24
N PRO A 26 -23.19 5.97 5.59
CA PRO A 26 -23.14 6.88 4.43
C PRO A 26 -22.42 8.18 4.73
N LYS A 27 -22.59 8.69 5.97
CA LYS A 27 -21.97 9.96 6.32
C LYS A 27 -20.46 9.82 6.45
N TYR A 28 -19.98 8.77 7.13
CA TYR A 28 -18.53 8.60 7.19
C TYR A 28 -17.91 8.43 5.81
N MSE A 29 -18.63 7.63 5.01
CA MSE A 29 -18.16 7.31 3.64
C MSE A 29 -17.98 8.58 2.83
O MSE A 29 -16.94 8.81 2.24
CB MSE A 29 -19.13 6.35 2.95
CG MSE A 29 -19.36 4.99 3.65
SE MSE A 29 -20.69 3.98 2.78
CE MSE A 29 -21.06 2.69 3.95
N GLN A 30 -19.02 9.42 2.80
CA GLN A 30 -18.86 10.67 2.07
C GLN A 30 -17.68 11.46 2.62
N GLN A 31 -17.53 11.40 3.95
CA GLN A 31 -16.42 12.15 4.51
C GLN A 31 -15.06 11.60 4.09
N LEU A 32 -14.91 10.28 4.26
CA LEU A 32 -13.62 9.67 3.93
C LEU A 32 -13.27 9.93 2.48
N ASN A 33 -14.31 9.87 1.64
CA ASN A 33 -14.23 10.11 0.22
C ASN A 33 -13.72 11.50 -0.12
N SER A 34 -13.57 12.41 0.84
CA SER A 34 -12.90 13.67 0.53
C SER A 34 -11.40 13.58 0.82
N LEU A 35 -10.99 12.49 1.45
CA LEU A 35 -9.65 12.37 1.98
C LEU A 35 -8.51 12.64 1.02
N ASP A 36 -7.45 13.31 1.47
CA ASP A 36 -6.23 13.29 0.66
C ASP A 36 -5.05 13.25 1.65
N ALA A 37 -3.87 13.10 1.06
CA ALA A 37 -2.61 13.02 1.78
C ALA A 37 -2.50 14.06 2.89
N GLU A 38 -2.83 15.30 2.51
CA GLU A 38 -2.73 16.41 3.46
C GLU A 38 -3.82 16.30 4.51
N MSE A 39 -5.06 16.06 4.07
CA MSE A 39 -6.17 15.89 5.08
C MSE A 39 -5.74 14.83 6.08
O MSE A 39 -5.85 15.04 7.27
CB MSE A 39 -7.51 15.58 4.40
CG MSE A 39 -8.77 15.42 5.27
SE MSE A 39 -10.41 15.31 4.32
CE MSE A 39 -11.07 13.73 4.86
N LEU A 40 -5.19 13.71 5.58
CA LEU A 40 -4.85 12.62 6.48
C LEU A 40 -3.88 13.10 7.55
N GLN A 41 -2.84 13.80 7.07
CA GLN A 41 -1.76 14.17 7.98
C GLN A 41 -2.33 15.11 9.04
N LYS A 42 -3.33 15.86 8.59
CA LYS A 42 -3.94 16.89 9.39
C LYS A 42 -4.94 16.33 10.40
N ASN A 43 -5.99 15.67 9.90
CA ASN A 43 -7.16 15.37 10.73
C ASN A 43 -7.14 13.99 11.33
N HIS A 44 -5.96 13.37 11.37
CA HIS A 44 -5.90 12.01 11.84
C HIS A 44 -6.46 11.79 13.25
N ASP A 45 -6.04 12.61 14.21
CA ASP A 45 -6.49 12.51 15.59
C ASP A 45 -7.99 12.73 15.73
N GLN A 46 -8.45 13.78 15.07
CA GLN A 46 -9.82 14.17 14.87
C GLN A 46 -10.58 12.98 14.28
N PHE A 47 -10.04 12.48 13.17
CA PHE A 47 -10.65 11.35 12.49
C PHE A 47 -10.67 10.08 13.32
N ALA A 48 -9.61 9.87 14.12
CA ALA A 48 -9.55 8.66 14.91
C ALA A 48 -10.10 8.88 16.32
N THR A 49 -11.03 9.81 16.46
CA THR A 49 -11.54 10.33 17.71
C THR A 49 -13.05 10.46 17.74
N GLY A 50 -13.67 10.01 18.83
CA GLY A 50 -15.08 10.19 19.06
C GLY A 50 -15.95 9.78 17.90
N SER A 51 -16.52 10.75 17.14
CA SER A 51 -17.27 10.13 16.04
C SER A 51 -16.71 10.54 14.69
N GLY A 52 -15.39 10.72 14.63
CA GLY A 52 -14.73 11.00 13.36
C GLY A 52 -14.89 9.84 12.40
N PRO A 53 -14.80 10.12 11.12
CA PRO A 53 -15.20 9.13 10.13
C PRO A 53 -14.36 7.87 10.21
N LEU A 54 -13.12 7.97 10.70
CA LEU A 54 -12.34 6.73 10.73
C LEU A 54 -12.81 5.87 11.88
N ARG A 55 -12.82 6.47 13.07
CA ARG A 55 -13.25 5.85 14.32
C ARG A 55 -14.71 5.42 14.25
N GLY A 56 -15.55 6.32 13.77
CA GLY A 56 -16.96 6.01 13.63
C GLY A 56 -17.17 4.86 12.66
N SER A 57 -16.53 4.95 11.49
CA SER A 57 -16.78 3.87 10.52
C SER A 57 -16.20 2.54 10.98
N ILE A 58 -15.02 2.57 11.61
CA ILE A 58 -14.43 1.32 12.09
C ILE A 58 -15.30 0.74 13.20
N THR A 59 -15.74 1.64 14.06
CA THR A 59 -16.68 1.26 15.12
C THR A 59 -17.95 0.64 14.55
N GLN A 60 -18.47 1.21 13.47
CA GLN A 60 -19.64 0.60 12.82
C GLN A 60 -19.29 -0.75 12.22
N CYS A 61 -18.16 -0.88 11.51
CA CYS A 61 -17.90 -2.20 10.95
C CYS A 61 -17.65 -3.26 12.00
N GLN A 62 -17.02 -2.90 13.11
CA GLN A 62 -16.79 -3.85 14.19
C GLN A 62 -18.07 -4.44 14.76
N GLY A 63 -19.12 -3.65 14.95
CA GLY A 63 -20.45 -4.03 15.40
C GLY A 63 -21.08 -5.09 14.51
N LEU A 64 -21.06 -4.80 13.22
CA LEU A 64 -21.53 -5.79 12.24
C LEU A 64 -20.67 -7.04 12.31
N MSE A 65 -19.37 -6.89 12.49
CA MSE A 65 -18.51 -8.09 12.69
C MSE A 65 -18.98 -8.87 13.90
O MSE A 65 -19.19 -10.06 13.88
CB MSE A 65 -17.04 -7.72 12.92
CG MSE A 65 -16.15 -8.78 13.69
SE MSE A 65 -14.45 -8.63 12.74
CE MSE A 65 -15.22 -7.49 11.55
N GLN A 66 -19.09 -8.13 15.01
CA GLN A 66 -19.40 -8.81 16.26
C GLN A 66 -20.79 -9.41 16.27
N PHE A 67 -21.80 -8.68 15.76
CA PHE A 67 -23.17 -9.11 16.04
C PHE A 67 -23.99 -9.64 14.90
N CYS A 68 -23.56 -9.50 13.64
CA CYS A 68 -24.34 -10.07 12.54
C CYS A 68 -23.68 -11.34 12.04
N GLY A 69 -24.30 -12.02 11.09
CA GLY A 69 -23.73 -13.28 10.61
C GLY A 69 -23.62 -13.21 9.09
N GLY A 70 -23.28 -14.32 8.43
CA GLY A 70 -23.28 -14.44 7.00
C GLY A 70 -22.35 -13.52 6.25
N GLU A 71 -22.72 -13.16 5.03
CA GLU A 71 -21.71 -12.40 4.26
C GLU A 71 -21.54 -11.00 4.81
N LEU A 72 -22.56 -10.45 5.47
CA LEU A 72 -22.44 -9.09 6.01
C LEU A 72 -21.33 -9.09 7.06
N GLN A 73 -21.27 -10.17 7.85
CA GLN A 73 -20.20 -10.32 8.84
C GLN A 73 -18.86 -10.56 8.15
N ALA A 74 -18.88 -11.36 7.09
CA ALA A 74 -17.63 -11.66 6.38
C ALA A 74 -17.05 -10.41 5.74
N GLU A 75 -17.93 -9.55 5.25
CA GLU A 75 -17.52 -8.34 4.55
C GLU A 75 -17.07 -7.23 5.50
N ALA A 76 -17.75 -7.05 6.63
CA ALA A 76 -17.25 -6.13 7.65
C ALA A 76 -15.82 -6.47 8.02
N SER A 77 -15.59 -7.78 8.20
CA SER A 77 -14.34 -8.40 8.52
C SER A 77 -13.21 -8.15 7.54
N ALA A 78 -13.45 -8.46 6.26
CA ALA A 78 -12.50 -8.24 5.18
C ALA A 78 -12.06 -6.79 5.18
N ILE A 79 -13.07 -5.96 5.42
CA ILE A 79 -12.78 -4.53 5.43
C ILE A 79 -11.88 -4.14 6.60
N LEU A 80 -12.23 -4.46 7.83
CA LEU A 80 -11.40 -4.19 8.99
C LEU A 80 -9.99 -4.74 8.92
N ASN A 81 -9.75 -5.87 8.30
CA ASN A 81 -8.46 -6.53 8.18
C ASN A 81 -7.67 -6.12 6.95
N THR A 82 -8.28 -5.44 5.99
CA THR A 82 -7.47 -4.94 4.89
C THR A 82 -6.38 -4.01 5.39
N PRO A 83 -5.13 -4.32 5.07
CA PRO A 83 -4.05 -3.39 5.44
C PRO A 83 -4.16 -2.18 4.51
N VAL A 84 -3.77 -1.08 5.10
CA VAL A 84 -3.59 0.24 4.58
C VAL A 84 -2.12 0.61 4.77
N CYS A 85 -1.35 0.45 3.72
CA CYS A 85 0.10 0.54 3.86
C CYS A 85 0.70 -0.35 4.94
N GLY A 86 0.19 -1.57 5.10
CA GLY A 86 0.77 -2.54 6.03
C GLY A 86 0.08 -2.68 7.37
N ILE A 87 -0.66 -1.66 7.76
CA ILE A 87 -1.45 -1.53 8.97
C ILE A 87 -2.92 -1.76 8.71
N PRO A 88 -3.52 -2.73 9.36
CA PRO A 88 -4.94 -3.05 9.15
C PRO A 88 -5.76 -1.79 9.39
N PHE A 89 -6.76 -1.64 8.53
CA PHE A 89 -7.65 -0.50 8.56
C PHE A 89 -8.24 -0.29 9.95
N SER A 90 -8.57 -1.38 10.63
CA SER A 90 -9.05 -1.30 12.01
C SER A 90 -8.09 -0.55 12.91
N GLN A 91 -6.79 -0.50 12.58
CA GLN A 91 -5.93 0.27 13.50
C GLN A 91 -5.93 1.75 13.17
N TRP A 92 -6.54 2.12 12.05
CA TRP A 92 -6.45 3.53 11.65
C TRP A 92 -7.39 4.37 12.49
N GLY A 93 -8.20 3.70 13.32
CA GLY A 93 -9.18 4.47 14.08
C GLY A 93 -8.66 4.72 15.48
N THR A 94 -7.36 4.49 15.63
CA THR A 94 -6.72 4.61 16.93
C THR A 94 -5.54 5.57 16.90
N ILE A 95 -5.34 6.27 18.01
CA ILE A 95 -4.23 7.20 18.15
C ILE A 95 -3.15 6.65 19.07
N GLY A 96 -1.91 7.00 18.73
CA GLY A 96 -0.77 6.64 19.53
C GLY A 96 -0.28 5.24 19.24
N GLY A 97 -0.66 4.68 18.11
CA GLY A 97 -0.15 3.39 17.69
C GLY A 97 0.58 3.45 16.35
N ALA A 98 0.62 2.29 15.69
CA ALA A 98 1.24 2.11 14.39
C ALA A 98 0.76 3.14 13.38
N ALA A 99 -0.54 3.43 13.35
CA ALA A 99 -1.00 4.40 12.35
C ALA A 99 -0.44 5.79 12.61
N SER A 100 -0.50 6.17 13.89
CA SER A 100 0.08 7.44 14.33
C SER A 100 1.58 7.49 14.05
N ALA A 101 2.33 6.45 14.41
CA ALA A 101 3.75 6.41 14.05
C ALA A 101 3.95 6.59 12.56
N TYR A 102 3.30 5.77 11.74
CA TYR A 102 3.37 5.86 10.29
C TYR A 102 3.08 7.27 9.78
N VAL A 103 1.96 7.86 10.18
CA VAL A 103 1.76 9.25 9.75
C VAL A 103 2.89 10.12 10.31
N ALA A 104 3.36 9.71 11.49
CA ALA A 104 4.46 10.39 12.17
C ALA A 104 5.80 9.97 11.60
N SER A 105 5.88 9.84 10.27
CA SER A 105 7.17 9.44 9.72
C SER A 105 7.54 10.39 8.59
N GLY A 106 6.58 11.16 8.08
CA GLY A 106 6.87 11.97 6.91
C GLY A 106 6.73 11.25 5.58
N VAL A 107 6.40 9.96 5.60
CA VAL A 107 6.06 9.28 4.36
C VAL A 107 4.97 10.03 3.62
N ASP A 108 5.02 10.02 2.28
CA ASP A 108 3.87 10.58 1.56
C ASP A 108 2.62 9.75 1.85
N LEU A 109 1.56 10.39 2.34
CA LEU A 109 0.32 9.74 2.69
C LEU A 109 -0.64 9.68 1.51
N THR A 110 -0.19 9.89 0.28
CA THR A 110 -1.11 9.69 -0.84
C THR A 110 -1.70 8.29 -0.92
N GLN A 111 -0.89 7.23 -0.86
CA GLN A 111 -1.43 5.87 -1.00
C GLN A 111 -2.31 5.47 0.19
N ALA A 112 -1.89 5.83 1.40
CA ALA A 112 -2.70 5.63 2.61
C ALA A 112 -4.09 6.22 2.47
N ALA A 113 -4.18 7.48 2.06
CA ALA A 113 -5.48 8.15 1.89
C ALA A 113 -6.29 7.47 0.79
N ASN A 114 -5.58 7.13 -0.29
CA ASN A 114 -6.19 6.39 -1.37
C ASN A 114 -6.74 5.06 -0.86
N GLU A 115 -6.03 4.41 0.08
CA GLU A 115 -6.55 3.06 0.39
C GLU A 115 -7.71 3.19 1.35
N ILE A 116 -7.72 4.29 2.13
CA ILE A 116 -8.87 4.42 3.04
C ILE A 116 -10.13 4.75 2.25
N LYS A 117 -9.91 5.53 1.19
CA LYS A 117 -10.91 5.93 0.21
C LYS A 117 -11.60 4.69 -0.36
N GLY A 118 -10.73 3.83 -0.91
CA GLY A 118 -11.18 2.56 -1.49
C GLY A 118 -12.07 1.82 -0.51
N LEU A 119 -11.60 1.71 0.74
CA LEU A 119 -12.31 0.94 1.75
C LEU A 119 -13.63 1.59 2.12
N ALA A 120 -13.62 2.92 2.18
CA ALA A 120 -14.92 3.57 2.39
C ALA A 120 -15.83 3.21 1.22
N GLN A 121 -15.22 3.03 0.04
CA GLN A 121 -16.15 2.71 -1.05
C GLN A 121 -16.65 1.29 -0.88
N GLN A 122 -15.78 0.40 -0.40
CA GLN A 122 -16.16 -0.98 -0.17
C GLN A 122 -17.27 -1.19 0.87
N MSE A 123 -17.42 -0.18 1.72
CA MSE A 123 -18.48 -0.20 2.77
C MSE A 123 -19.87 -0.23 2.19
O MSE A 123 -20.84 -0.69 2.75
CB MSE A 123 -18.26 1.00 3.71
CG MSE A 123 -17.24 0.77 4.84
SE MSE A 123 -16.82 2.41 5.70
CE MSE A 123 -15.22 1.87 6.37
N GLN A 124 -19.99 0.28 0.96
CA GLN A 124 -21.24 0.18 0.20
C GLN A 124 -21.73 -1.25 0.09
N LYS A 125 -20.79 -2.20 0.08
CA LYS A 125 -21.21 -3.60 0.02
C LYS A 125 -22.04 -3.95 1.25
N LEU A 126 -21.65 -3.37 2.38
CA LEU A 126 -22.33 -3.56 3.65
C LEU A 126 -23.74 -3.00 3.58
N LEU A 127 -23.84 -1.76 3.09
CA LEU A 127 -25.13 -1.17 2.78
C LEU A 127 -25.92 -2.14 1.91
N SER A 128 -25.30 -2.57 0.82
CA SER A 128 -25.96 -3.42 -0.15
C SER A 128 -26.37 -4.74 0.47
N LEU A 129 -25.49 -5.39 1.24
CA LEU A 129 -25.88 -6.60 1.94
C LEU A 129 -27.08 -6.30 2.82
N MSE A 130 -27.07 -5.10 3.42
CA MSE A 130 -28.25 -4.73 4.26
C MSE A 130 -29.46 -4.51 3.39
O MSE A 130 -30.50 -4.08 3.91
CB MSE A 130 -27.95 -3.48 5.11
CG MSE A 130 -27.50 -3.91 6.53
SE MSE A 130 -26.60 -2.55 7.48
CE MSE A 130 -25.06 -3.44 7.80
N THR B 11 27.23 0.06 -32.21
CA THR B 11 26.13 -0.35 -31.34
C THR B 11 25.89 0.63 -30.19
N SER B 12 24.88 1.45 -30.39
CA SER B 12 24.37 2.51 -29.55
C SER B 12 24.57 2.24 -28.07
N PHE B 13 24.90 3.30 -27.35
CA PHE B 13 24.97 3.19 -25.89
C PHE B 13 23.62 2.79 -25.33
N SER B 14 22.61 3.55 -25.77
CA SER B 14 21.22 3.28 -25.39
C SER B 14 20.91 1.81 -25.63
N ASP B 15 21.39 1.29 -26.76
CA ASP B 15 21.17 -0.13 -26.99
C ASP B 15 22.07 -0.95 -26.09
N SER B 16 23.19 -0.38 -25.62
CA SER B 16 23.96 -1.23 -24.69
C SER B 16 23.26 -1.30 -23.34
N ILE B 17 22.59 -0.21 -22.99
CA ILE B 17 21.76 -0.17 -21.81
C ILE B 17 20.70 -1.28 -21.81
N LYS B 18 19.99 -1.45 -22.91
CA LYS B 18 18.88 -2.40 -22.97
C LYS B 18 19.31 -3.85 -22.88
N GLN B 19 20.49 -4.16 -23.39
CA GLN B 19 21.05 -5.50 -23.38
C GLN B 19 21.42 -5.89 -21.96
N LEU B 20 21.99 -4.90 -21.26
CA LEU B 20 22.39 -5.17 -19.89
C LEU B 20 21.16 -5.41 -19.03
N ALA B 21 20.14 -4.57 -19.20
CA ALA B 21 18.95 -4.77 -18.36
C ALA B 21 18.32 -6.12 -18.66
N ALA B 22 18.37 -6.43 -19.95
CA ALA B 22 17.79 -7.69 -20.42
C ALA B 22 18.54 -8.83 -19.78
N GLU B 23 19.84 -8.60 -19.58
CA GLU B 23 20.60 -9.70 -18.98
C GLU B 23 20.38 -9.69 -17.48
N THR B 24 20.24 -8.48 -16.93
CA THR B 24 20.20 -8.32 -15.48
C THR B 24 18.84 -8.48 -14.85
N LEU B 25 17.78 -7.89 -15.42
CA LEU B 25 16.54 -7.96 -14.66
C LEU B 25 15.96 -9.34 -14.42
N PRO B 26 16.04 -10.33 -15.29
CA PRO B 26 15.49 -11.66 -14.94
C PRO B 26 16.01 -12.20 -13.60
N LYS B 27 17.32 -12.20 -13.35
CA LYS B 27 17.86 -12.54 -12.06
C LYS B 27 17.14 -11.82 -10.92
N TYR B 28 17.17 -10.50 -10.98
CA TYR B 28 16.59 -9.69 -9.90
C TYR B 28 15.13 -10.05 -9.70
N MSE B 29 14.45 -10.18 -10.83
CA MSE B 29 13.01 -10.59 -10.83
C MSE B 29 12.89 -11.93 -10.15
O MSE B 29 11.92 -12.20 -9.47
CB MSE B 29 12.42 -10.66 -12.25
CG MSE B 29 12.28 -9.22 -12.81
SE MSE B 29 12.12 -9.21 -14.70
CE MSE B 29 10.50 -9.99 -14.83
N GLN B 30 13.92 -12.79 -10.34
CA GLN B 30 13.77 -14.06 -9.63
C GLN B 30 13.74 -13.84 -8.13
N GLN B 31 14.76 -13.17 -7.61
CA GLN B 31 14.83 -13.06 -6.16
C GLN B 31 13.61 -12.36 -5.56
N LEU B 32 13.20 -11.25 -6.15
CA LEU B 32 12.06 -10.50 -5.65
C LEU B 32 10.74 -11.26 -5.63
N ASN B 33 10.59 -12.23 -6.53
CA ASN B 33 9.28 -12.88 -6.64
C ASN B 33 9.15 -13.99 -5.61
N SER B 34 10.25 -14.21 -4.92
CA SER B 34 10.31 -15.11 -3.78
C SER B 34 9.94 -14.41 -2.47
N LEU B 35 9.70 -13.11 -2.56
CA LEU B 35 9.50 -12.26 -1.39
C LEU B 35 8.21 -12.56 -0.62
N ASP B 36 8.33 -12.55 0.69
CA ASP B 36 7.18 -12.54 1.59
C ASP B 36 7.54 -11.61 2.75
N ALA B 37 6.66 -11.34 3.71
CA ALA B 37 6.97 -10.32 4.71
C ALA B 37 8.27 -10.63 5.43
N GLU B 38 8.36 -11.90 5.76
CA GLU B 38 9.46 -12.44 6.56
C GLU B 38 10.79 -12.31 5.81
N MSE B 39 10.83 -12.63 4.52
CA MSE B 39 12.06 -12.40 3.69
C MSE B 39 12.53 -10.97 3.65
O MSE B 39 13.73 -10.72 3.65
CB MSE B 39 11.88 -12.91 2.25
CG MSE B 39 13.23 -13.09 1.51
SE MSE B 39 13.02 -13.83 -0.24
CE MSE B 39 12.45 -15.50 0.20
N LEU B 40 11.66 -9.95 3.59
CA LEU B 40 12.23 -8.59 3.51
C LEU B 40 12.40 -7.95 4.88
N GLN B 41 11.85 -8.56 5.92
CA GLN B 41 12.20 -8.09 7.26
C GLN B 41 13.67 -8.37 7.55
N LYS B 42 14.17 -9.46 6.97
CA LYS B 42 15.53 -9.91 7.17
C LYS B 42 16.46 -9.48 6.03
N ASN B 43 16.07 -9.62 4.76
CA ASN B 43 17.08 -9.37 3.74
C ASN B 43 17.00 -8.01 3.08
N HIS B 44 16.11 -7.12 3.52
CA HIS B 44 16.03 -5.84 2.84
C HIS B 44 17.36 -5.08 2.89
N ASP B 45 18.09 -5.32 3.98
CA ASP B 45 19.40 -4.78 4.25
C ASP B 45 20.35 -5.01 3.07
N GLN B 46 20.48 -6.27 2.72
CA GLN B 46 21.24 -6.88 1.65
C GLN B 46 20.64 -6.51 0.30
N PHE B 47 19.33 -6.78 0.16
CA PHE B 47 18.62 -6.48 -1.07
C PHE B 47 18.84 -5.04 -1.49
N ALA B 48 18.98 -4.14 -0.51
CA ALA B 48 19.12 -2.74 -0.86
C ALA B 48 20.58 -2.37 -0.94
N THR B 49 21.47 -3.36 -1.14
CA THR B 49 22.85 -2.93 -1.28
C THR B 49 23.62 -3.86 -2.22
N GLY B 50 24.71 -3.30 -2.77
CA GLY B 50 25.54 -4.06 -3.69
C GLY B 50 24.68 -4.46 -4.89
N SER B 51 24.77 -5.72 -5.23
CA SER B 51 24.06 -6.38 -6.32
C SER B 51 22.74 -6.98 -5.84
N GLY B 52 22.21 -6.44 -4.75
CA GLY B 52 20.89 -6.78 -4.21
C GLY B 52 19.78 -6.57 -5.22
N PRO B 53 18.82 -7.50 -5.27
CA PRO B 53 17.83 -7.47 -6.36
C PRO B 53 17.11 -6.12 -6.36
N LEU B 54 16.91 -5.55 -5.17
CA LEU B 54 16.25 -4.25 -5.06
C LEU B 54 17.16 -3.15 -5.61
N ARG B 55 18.39 -3.02 -5.12
CA ARG B 55 19.25 -1.97 -5.63
C ARG B 55 19.49 -2.19 -7.12
N GLY B 56 19.72 -3.47 -7.42
CA GLY B 56 20.09 -3.80 -8.78
C GLY B 56 18.97 -3.41 -9.73
N SER B 57 17.74 -3.77 -9.37
CA SER B 57 16.67 -3.62 -10.37
C SER B 57 16.31 -2.15 -10.50
N ILE B 58 16.50 -1.46 -9.39
CA ILE B 58 16.26 -0.02 -9.34
C ILE B 58 17.26 0.72 -10.22
N THR B 59 18.52 0.32 -10.07
CA THR B 59 19.58 0.90 -10.89
C THR B 59 19.27 0.76 -12.38
N GLN B 60 18.92 -0.46 -12.75
CA GLN B 60 18.55 -0.81 -14.11
C GLN B 60 17.39 0.07 -14.59
N CYS B 61 16.38 0.22 -13.75
CA CYS B 61 15.23 0.97 -14.26
C CYS B 61 15.64 2.42 -14.51
N GLN B 62 16.52 2.89 -13.63
CA GLN B 62 17.05 4.25 -13.72
C GLN B 62 17.86 4.48 -14.98
N GLY B 63 18.74 3.55 -15.36
CA GLY B 63 19.39 3.71 -16.65
C GLY B 63 18.35 3.72 -17.74
N LEU B 64 17.31 2.88 -17.70
CA LEU B 64 16.37 2.93 -18.84
C LEU B 64 15.62 4.24 -18.90
N MSE B 65 15.27 4.70 -17.70
CA MSE B 65 14.60 6.04 -17.62
C MSE B 65 15.52 7.09 -18.20
O MSE B 65 15.15 7.84 -19.05
CB MSE B 65 14.30 6.37 -16.17
CG MSE B 65 12.85 6.65 -15.77
SE MSE B 65 12.84 7.98 -14.39
CE MSE B 65 14.44 8.73 -14.91
N GLN B 66 16.76 7.11 -17.70
CA GLN B 66 17.70 8.17 -18.00
C GLN B 66 18.08 8.19 -19.48
N PHE B 67 18.39 7.00 -19.98
CA PHE B 67 19.08 6.92 -21.26
C PHE B 67 18.22 6.39 -22.38
N CYS B 68 17.03 5.84 -22.16
CA CYS B 68 16.21 5.35 -23.26
C CYS B 68 15.04 6.29 -23.54
N GLY B 69 14.18 5.97 -24.50
CA GLY B 69 13.03 6.80 -24.78
C GLY B 69 11.73 6.06 -24.92
N GLY B 70 10.64 6.77 -25.22
CA GLY B 70 9.48 6.03 -25.70
C GLY B 70 8.74 5.28 -24.63
N GLU B 71 8.03 4.20 -24.99
CA GLU B 71 7.19 3.59 -23.95
C GLU B 71 8.08 2.93 -22.90
N LEU B 72 9.22 2.43 -23.37
CA LEU B 72 10.22 1.87 -22.48
C LEU B 72 10.57 2.84 -21.37
N GLN B 73 10.96 4.05 -21.76
CA GLN B 73 11.29 5.05 -20.76
C GLN B 73 10.11 5.31 -19.83
N ALA B 74 8.91 5.49 -20.42
CA ALA B 74 7.78 5.85 -19.57
C ALA B 74 7.55 4.75 -18.55
N GLU B 75 7.68 3.52 -19.06
CA GLU B 75 7.41 2.38 -18.17
C GLU B 75 8.49 2.25 -17.10
N ALA B 76 9.76 2.49 -17.42
CA ALA B 76 10.78 2.45 -16.36
C ALA B 76 10.39 3.45 -15.26
N SER B 77 10.01 4.62 -15.78
CA SER B 77 9.68 5.72 -14.88
C SER B 77 8.41 5.42 -14.11
N ALA B 78 7.37 4.79 -14.68
CA ALA B 78 6.23 4.49 -13.80
C ALA B 78 6.55 3.46 -12.72
N ILE B 79 7.53 2.57 -12.98
CA ILE B 79 7.88 1.54 -11.99
C ILE B 79 8.60 2.15 -10.81
N LEU B 80 9.50 3.08 -11.13
CA LEU B 80 10.33 3.79 -10.16
C LEU B 80 9.51 4.69 -9.24
N ASN B 81 8.46 5.28 -9.80
CA ASN B 81 7.57 6.17 -9.06
C ASN B 81 6.35 5.49 -8.46
N THR B 82 6.25 4.18 -8.56
CA THR B 82 5.18 3.44 -7.90
C THR B 82 5.41 3.39 -6.39
N PRO B 83 4.52 3.96 -5.59
CA PRO B 83 4.77 3.92 -4.15
C PRO B 83 4.67 2.48 -3.65
N VAL B 84 5.53 2.13 -2.72
CA VAL B 84 5.41 0.89 -1.95
C VAL B 84 5.14 1.29 -0.51
N CYS B 85 3.93 0.95 -0.08
CA CYS B 85 3.36 1.34 1.19
C CYS B 85 3.71 2.81 1.48
N GLY B 86 3.55 3.69 0.50
CA GLY B 86 3.73 5.12 0.74
C GLY B 86 5.07 5.64 0.29
N ILE B 87 6.03 4.72 0.11
CA ILE B 87 7.40 5.05 -0.27
C ILE B 87 7.75 4.62 -1.68
N PRO B 88 8.14 5.55 -2.56
CA PRO B 88 8.36 5.23 -3.97
C PRO B 88 9.34 4.07 -4.13
N PHE B 89 9.01 3.24 -5.12
CA PHE B 89 9.83 2.07 -5.37
C PHE B 89 11.30 2.46 -5.47
N SER B 90 11.60 3.57 -6.15
CA SER B 90 12.99 3.98 -6.36
C SER B 90 13.78 4.18 -5.08
N GLN B 91 13.09 4.30 -3.95
CA GLN B 91 13.82 4.46 -2.69
C GLN B 91 13.96 3.14 -1.96
N TRP B 92 13.33 2.07 -2.44
CA TRP B 92 13.38 0.84 -1.64
C TRP B 92 14.71 0.09 -1.75
N GLY B 93 15.61 0.62 -2.57
CA GLY B 93 16.87 0.01 -2.90
C GLY B 93 18.02 0.54 -2.04
N THR B 94 17.75 1.50 -1.19
CA THR B 94 18.63 2.20 -0.28
C THR B 94 18.59 1.65 1.14
N ILE B 95 19.68 1.64 1.90
CA ILE B 95 19.60 1.25 3.32
C ILE B 95 19.80 2.47 4.23
N GLY B 96 19.17 2.46 5.40
CA GLY B 96 19.25 3.57 6.33
C GLY B 96 18.44 4.79 5.97
N GLY B 97 17.38 4.68 5.17
CA GLY B 97 16.47 5.79 4.91
C GLY B 97 15.05 5.34 5.25
N ALA B 98 14.05 5.98 4.65
CA ALA B 98 12.63 5.75 4.90
C ALA B 98 12.19 4.29 4.76
N ALA B 99 12.61 3.63 3.69
CA ALA B 99 12.29 2.22 3.55
C ALA B 99 12.93 1.38 4.64
N SER B 100 14.18 1.74 4.99
CA SER B 100 14.80 1.01 6.09
C SER B 100 13.97 1.28 7.34
N ALA B 101 13.64 2.56 7.56
CA ALA B 101 12.87 2.83 8.78
C ALA B 101 11.53 2.08 8.73
N TYR B 102 10.80 2.16 7.62
CA TYR B 102 9.50 1.48 7.58
C TYR B 102 9.65 0.00 7.88
N VAL B 103 10.68 -0.59 7.26
CA VAL B 103 10.86 -2.03 7.49
C VAL B 103 11.13 -2.30 8.96
N ALA B 104 11.69 -1.30 9.64
CA ALA B 104 12.13 -1.36 11.01
C ALA B 104 10.98 -1.18 12.00
N SER B 105 9.93 -0.51 11.54
CA SER B 105 8.82 -0.08 12.36
C SER B 105 8.08 -1.20 13.08
N GLY B 106 8.22 -2.45 12.67
CA GLY B 106 7.50 -3.56 13.28
C GLY B 106 6.26 -3.97 12.51
N VAL B 107 5.80 -3.10 11.63
CA VAL B 107 4.64 -3.32 10.77
C VAL B 107 4.79 -4.59 9.94
N ASP B 108 3.64 -5.23 9.74
CA ASP B 108 3.58 -6.40 8.88
C ASP B 108 3.97 -6.04 7.45
N LEU B 109 5.11 -6.51 6.98
CA LEU B 109 5.60 -6.27 5.64
C LEU B 109 4.93 -7.15 4.60
N THR B 110 3.67 -7.55 4.78
CA THR B 110 3.07 -8.38 3.74
C THR B 110 2.68 -7.57 2.51
N GLN B 111 2.11 -6.39 2.72
CA GLN B 111 1.69 -5.52 1.62
C GLN B 111 2.92 -5.07 0.82
N ALA B 112 3.91 -4.55 1.53
CA ALA B 112 5.17 -4.13 0.93
C ALA B 112 5.75 -5.25 0.09
N ALA B 113 5.76 -6.46 0.64
CA ALA B 113 6.32 -7.57 -0.13
C ALA B 113 5.49 -7.85 -1.38
N ASN B 114 4.16 -7.77 -1.22
CA ASN B 114 3.23 -7.98 -2.32
C ASN B 114 3.37 -6.91 -3.42
N GLU B 115 3.50 -5.65 -3.02
CA GLU B 115 3.65 -4.56 -3.98
C GLU B 115 4.97 -4.66 -4.72
N ILE B 116 6.03 -5.08 -4.04
CA ILE B 116 7.32 -5.31 -4.68
C ILE B 116 7.29 -6.49 -5.63
N LYS B 117 6.63 -7.58 -5.26
CA LYS B 117 6.46 -8.70 -6.18
C LYS B 117 5.69 -8.25 -7.42
N GLY B 118 4.69 -7.41 -7.19
CA GLY B 118 3.87 -6.82 -8.23
C GLY B 118 4.72 -5.98 -9.18
N LEU B 119 5.69 -5.26 -8.59
CA LEU B 119 6.53 -4.47 -9.51
C LEU B 119 7.58 -5.35 -10.19
N ALA B 120 8.05 -6.43 -9.57
CA ALA B 120 8.87 -7.45 -10.23
C ALA B 120 8.16 -7.98 -11.47
N GLN B 121 6.86 -8.23 -11.33
CA GLN B 121 6.01 -8.58 -12.46
C GLN B 121 6.03 -7.54 -13.57
N GLN B 122 5.71 -6.31 -13.19
CA GLN B 122 5.61 -5.21 -14.14
C GLN B 122 6.86 -5.17 -15.00
N MSE B 123 8.00 -5.45 -14.38
CA MSE B 123 9.28 -5.40 -15.15
C MSE B 123 9.32 -6.34 -16.32
O MSE B 123 10.21 -6.26 -17.15
CB MSE B 123 10.47 -5.78 -14.25
CG MSE B 123 10.74 -4.72 -13.17
SE MSE B 123 12.02 -5.37 -11.91
CE MSE B 123 11.92 -3.96 -10.80
N GLN B 124 8.38 -7.28 -16.49
CA GLN B 124 8.60 -8.04 -17.74
C GLN B 124 8.01 -7.22 -18.88
N LYS B 125 7.03 -6.38 -18.57
CA LYS B 125 6.54 -5.53 -19.65
C LYS B 125 7.69 -4.64 -20.12
N LEU B 126 8.54 -4.25 -19.18
CA LEU B 126 9.70 -3.42 -19.53
C LEU B 126 10.52 -4.16 -20.59
N LEU B 127 10.93 -5.38 -20.22
CA LEU B 127 11.71 -6.26 -21.09
C LEU B 127 10.98 -6.45 -22.42
N SER B 128 9.63 -6.45 -22.37
CA SER B 128 9.00 -6.79 -23.67
C SER B 128 9.17 -5.59 -24.59
N LEU B 129 9.37 -4.44 -23.95
CA LEU B 129 9.40 -3.17 -24.65
C LEU B 129 10.78 -2.84 -25.19
N MSE B 130 11.79 -3.66 -24.96
CA MSE B 130 13.12 -3.24 -25.48
C MSE B 130 13.60 -4.13 -26.60
O MSE B 130 14.73 -4.57 -26.57
CB MSE B 130 14.20 -3.25 -24.38
CG MSE B 130 13.93 -4.16 -23.18
SE MSE B 130 15.37 -4.18 -21.94
CE MSE B 130 14.48 -3.63 -20.45
N HIS B 131 12.76 -4.44 -27.59
CA HIS B 131 13.26 -5.40 -28.58
C HIS B 131 13.60 -4.72 -29.90
#